data_5JF5
#
_entry.id   5JF5
#
_cell.length_a   41.000
_cell.length_b   65.270
_cell.length_c   88.470
_cell.angle_alpha   90.00
_cell.angle_beta   90.00
_cell.angle_gamma   90.00
#
_symmetry.space_group_name_H-M   'P 21 21 21'
#
loop_
_entity.id
_entity.type
_entity.pdbx_description
1 polymer 'Peptide deformylase'
2 non-polymer (3R)-3-{3-[(2H-1,3-benzodioxol-5-yl)methyl]-1,2,4-oxadiazol-5-yl}-4-cyclopentyl-N-hydroxybutanamide
3 non-polymer 'ACETATE ION'
4 non-polymer IMIDAZOLE
5 non-polymer 'ZINC ION'
6 water water
#
_entity_poly.entity_id   1
_entity_poly.type   'polypeptide(L)'
_entity_poly.pdbx_seq_one_letter_code
;MAAIDKLVKASHLIDMNDIIREGNPTLRKVAEEVTFPLSEKEEILGEKMMQFLKHSQDPIMAEKLGLRGGVGLAAPQLDI
SKRIIAVLVPNVEDAQGNPPKEAYSLQEVMYNPKVVSHSVQDAALSDGEG(OCS)LSVDREVPGYVVRHARVTIEYFDKT
GEKHRLKLKGYNSIVVQHEIDHIDGIMFYDRINEKNPFAVKEGLLILE
;
_entity_poly.pdbx_strand_id   A
#
loop_
_chem_comp.id
_chem_comp.type
_chem_comp.name
_chem_comp.formula
7JT non-polymer (3R)-3-{3-[(2H-1,3-benzodioxol-5-yl)methyl]-1,2,4-oxadiazol-5-yl}-4-cyclopentyl-N-hydroxybutanamide 'C19 H23 N3 O5'
ACT non-polymer 'ACETATE ION' 'C2 H3 O2 -1'
IMD non-polymer IMIDAZOLE 'C3 H5 N2 1'
ZN non-polymer 'ZINC ION' 'Zn 2'
#
# COMPACT_ATOMS: atom_id res chain seq x y z
N ALA A 2 -22.29 6.72 6.03
CA ALA A 2 -21.20 6.71 5.03
C ALA A 2 -20.22 5.58 5.35
N ALA A 3 -19.35 5.27 4.39
CA ALA A 3 -18.36 4.21 4.55
C ALA A 3 -17.50 4.48 5.79
N ILE A 4 -17.08 5.73 5.96
CA ILE A 4 -16.24 6.10 7.08
C ILE A 4 -16.86 5.76 8.45
N ASP A 5 -18.16 5.99 8.60
CA ASP A 5 -18.87 5.71 9.84
C ASP A 5 -18.89 4.22 10.20
N LYS A 6 -19.06 3.37 9.19
CA LYS A 6 -18.99 1.91 9.36
C LYS A 6 -17.59 1.51 9.87
N LEU A 7 -16.55 2.05 9.22
CA LEU A 7 -15.17 1.67 9.51
C LEU A 7 -14.65 2.11 10.86
N VAL A 8 -15.08 3.26 11.36
CA VAL A 8 -14.48 3.80 12.60
C VAL A 8 -15.21 3.35 13.88
N LYS A 9 -16.33 2.64 13.72
CA LYS A 9 -17.01 2.04 14.88
C LYS A 9 -16.00 1.25 15.72
N ALA A 10 -15.99 1.48 17.04
CA ALA A 10 -14.97 0.89 17.89
C ALA A 10 -14.81 -0.62 17.71
N SER A 11 -15.92 -1.35 17.54
CA SER A 11 -15.83 -2.81 17.47
C SER A 11 -15.67 -3.31 16.03
N HIS A 12 -15.59 -2.41 15.07
CA HIS A 12 -15.52 -2.83 13.68
C HIS A 12 -14.10 -3.18 13.27
N LEU A 13 -13.94 -4.37 12.70
CA LEU A 13 -12.66 -4.78 12.15
C LEU A 13 -12.76 -4.80 10.63
N ILE A 14 -11.79 -4.15 9.98
CA ILE A 14 -11.73 -4.14 8.53
C ILE A 14 -11.53 -5.57 8.02
N ASP A 15 -12.34 -5.96 7.05
CA ASP A 15 -12.17 -7.21 6.36
C ASP A 15 -12.37 -7.03 4.84
N MET A 16 -12.34 -8.13 4.10
CA MET A 16 -12.45 -8.04 2.63
C MET A 16 -13.77 -7.42 2.15
N ASN A 17 -14.83 -7.55 2.96
CA ASN A 17 -16.12 -6.96 2.60
C ASN A 17 -16.14 -5.43 2.61
N ASP A 18 -15.14 -4.83 3.25
CA ASP A 18 -14.96 -3.36 3.24
C ASP A 18 -14.15 -2.84 2.05
N ILE A 19 -13.55 -3.74 1.30
CA ILE A 19 -12.64 -3.38 0.20
C ILE A 19 -13.45 -3.33 -1.11
N ILE A 20 -13.49 -2.14 -1.72
CA ILE A 20 -14.16 -1.97 -3.01
C ILE A 20 -13.40 -2.59 -4.16
N ARG A 21 -14.11 -2.84 -5.25
CA ARG A 21 -13.56 -3.61 -6.35
C ARG A 21 -13.32 -2.77 -7.62
N GLU A 22 -12.41 -3.31 -8.43
CA GLU A 22 -12.10 -2.82 -9.74
C GLU A 22 -13.38 -2.42 -10.47
N GLY A 23 -13.43 -1.20 -10.99
CA GLY A 23 -14.65 -0.73 -11.61
C GLY A 23 -15.30 0.38 -10.78
N ASN A 24 -15.16 0.30 -9.47
CA ASN A 24 -15.72 1.32 -8.60
C ASN A 24 -15.00 2.64 -8.88
N PRO A 25 -15.75 3.71 -9.23
CA PRO A 25 -15.15 5.02 -9.57
C PRO A 25 -14.18 5.59 -8.53
N THR A 26 -14.36 5.27 -7.25
CA THR A 26 -13.51 5.84 -6.20
C THR A 26 -12.03 5.46 -6.42
N LEU A 27 -11.81 4.27 -6.98
CA LEU A 27 -10.42 3.83 -7.29
C LEU A 27 -9.67 4.70 -8.35
N ARG A 28 -10.42 5.48 -9.12
CA ARG A 28 -9.88 6.33 -10.19
C ARG A 28 -9.81 7.85 -9.89
N LYS A 29 -10.29 8.27 -8.72
CA LYS A 29 -10.27 9.68 -8.35
C LYS A 29 -8.89 10.08 -7.87
N VAL A 30 -8.62 11.37 -7.82
CA VAL A 30 -7.48 11.85 -7.06
C VAL A 30 -8.01 12.11 -5.65
N ALA A 31 -7.49 11.33 -4.69
CA ALA A 31 -7.87 11.48 -3.27
C ALA A 31 -7.60 12.88 -2.73
N GLU A 32 -8.47 13.30 -1.83
CA GLU A 32 -8.35 14.62 -1.20
C GLU A 32 -7.29 14.62 -0.08
N GLU A 33 -6.45 15.65 -0.04
CA GLU A 33 -5.51 15.88 1.08
C GLU A 33 -6.25 15.96 2.40
N VAL A 34 -5.62 15.48 3.49
CA VAL A 34 -6.20 15.58 4.82
C VAL A 34 -5.62 16.85 5.44
N THR A 35 -6.39 17.48 6.32
CA THR A 35 -5.90 18.67 7.01
C THR A 35 -5.57 18.32 8.45
N PHE A 36 -4.57 19.01 8.98
CA PHE A 36 -4.15 18.83 10.34
C PHE A 36 -4.63 20.02 11.17
N PRO A 37 -4.94 19.77 12.46
CA PRO A 37 -4.94 18.44 13.11
C PRO A 37 -6.01 17.48 12.55
N LEU A 38 -5.71 16.18 12.57
CA LEU A 38 -6.65 15.19 12.05
C LEU A 38 -7.94 15.15 12.86
N SER A 39 -9.07 14.97 12.19
CA SER A 39 -10.32 14.59 12.83
C SER A 39 -10.16 13.21 13.49
N GLU A 40 -11.01 12.94 14.49
CA GLU A 40 -11.03 11.65 15.14
C GLU A 40 -11.21 10.53 14.13
N LYS A 41 -12.13 10.72 13.18
CA LYS A 41 -12.42 9.74 12.12
C LYS A 41 -11.19 9.37 11.27
N GLU A 42 -10.44 10.39 10.87
CA GLU A 42 -9.21 10.18 10.09
C GLU A 42 -8.13 9.45 10.90
N GLU A 43 -7.99 9.83 12.16
CA GLU A 43 -7.05 9.15 13.03
C GLU A 43 -7.45 7.70 13.23
N ILE A 44 -8.73 7.46 13.52
CA ILE A 44 -9.22 6.10 13.75
C ILE A 44 -9.06 5.28 12.46
N LEU A 45 -9.39 5.89 11.33
CA LEU A 45 -9.30 5.18 10.07
C LEU A 45 -7.86 4.65 9.83
N GLY A 46 -6.87 5.50 10.08
CA GLY A 46 -5.45 5.09 9.99
C GLY A 46 -5.13 3.87 10.85
N GLU A 47 -5.57 3.92 12.10
CA GLU A 47 -5.38 2.81 13.04
C GLU A 47 -6.04 1.52 12.55
N LYS A 48 -7.26 1.63 12.05
CA LYS A 48 -8.01 0.48 11.51
C LYS A 48 -7.31 -0.16 10.28
N MET A 49 -6.69 0.70 9.47
CA MET A 49 -6.01 0.25 8.26
C MET A 49 -4.76 -0.48 8.67
N MET A 50 -4.01 0.08 9.63
CA MET A 50 -2.81 -0.61 10.13
C MET A 50 -3.18 -1.97 10.75
N GLN A 51 -4.29 -1.97 11.52
CA GLN A 51 -4.80 -3.18 12.15
C GLN A 51 -5.19 -4.26 11.14
N PHE A 52 -5.82 -3.84 10.04
CA PHE A 52 -6.05 -4.70 8.90
C PHE A 52 -4.78 -5.40 8.39
N LEU A 53 -3.70 -4.64 8.18
CA LEU A 53 -2.45 -5.22 7.70
C LEU A 53 -1.89 -6.21 8.71
N LYS A 54 -1.85 -5.81 9.98
CA LYS A 54 -1.40 -6.68 11.06
C LYS A 54 -2.17 -8.00 11.04
N HIS A 55 -3.50 -7.90 10.98
CA HIS A 55 -4.40 -9.09 10.96
C HIS A 55 -4.17 -9.96 9.73
N SER A 56 -4.01 -9.32 8.57
CA SER A 56 -3.79 -10.04 7.30
C SER A 56 -2.52 -10.88 7.35
N GLN A 57 -1.57 -10.45 8.18
CA GLN A 57 -0.29 -11.14 8.28
C GLN A 57 -0.22 -12.11 9.46
N ASP A 58 -1.28 -12.14 10.26
CA ASP A 58 -1.34 -12.98 11.45
C ASP A 58 -2.10 -14.25 11.09
N PRO A 59 -1.46 -15.44 11.24
CA PRO A 59 -2.12 -16.65 10.72
C PRO A 59 -3.52 -16.88 11.31
N ILE A 60 -3.68 -16.67 12.60
CA ILE A 60 -4.99 -16.80 13.27
C ILE A 60 -6.01 -15.75 12.82
N MET A 61 -5.67 -14.47 12.97
CA MET A 61 -6.60 -13.40 12.59
C MET A 61 -6.96 -13.41 11.09
N ALA A 62 -6.00 -13.75 10.24
CA ALA A 62 -6.29 -13.81 8.79
C ALA A 62 -7.35 -14.88 8.54
N GLU A 63 -7.18 -16.02 9.19
CA GLU A 63 -8.13 -17.11 9.10
C GLU A 63 -9.51 -16.72 9.67
N LYS A 64 -9.54 -16.14 10.88
CA LYS A 64 -10.80 -15.68 11.47
C LYS A 64 -11.56 -14.71 10.56
N LEU A 65 -10.85 -13.74 9.96
CA LEU A 65 -11.50 -12.68 9.21
C LEU A 65 -11.61 -12.96 7.71
N GLY A 66 -11.00 -14.05 7.24
CA GLY A 66 -11.02 -14.37 5.80
C GLY A 66 -10.13 -13.48 4.94
N LEU A 67 -8.92 -13.18 5.41
CA LEU A 67 -8.10 -12.10 4.79
C LEU A 67 -7.01 -12.60 3.87
N ARG A 68 -6.92 -11.95 2.69
CA ARG A 68 -5.70 -12.03 1.86
C ARG A 68 -4.54 -11.25 2.56
N GLY A 69 -3.44 -11.96 2.83
CA GLY A 69 -2.15 -11.39 3.25
C GLY A 69 -1.79 -10.14 2.43
N GLY A 70 -1.32 -9.12 3.14
CA GLY A 70 -1.12 -7.82 2.52
C GLY A 70 -0.03 -7.00 3.20
N VAL A 71 0.59 -6.12 2.43
CA VAL A 71 1.66 -5.28 2.95
C VAL A 71 1.33 -3.79 2.85
N GLY A 72 0.24 -3.49 2.15
CA GLY A 72 -0.20 -2.10 2.05
C GLY A 72 -1.68 -1.97 1.80
N LEU A 73 -2.23 -0.81 2.17
CA LEU A 73 -3.64 -0.52 1.98
C LEU A 73 -3.82 0.98 1.86
N ALA A 74 -4.69 1.40 0.96
CA ALA A 74 -4.94 2.81 0.73
C ALA A 74 -6.40 3.10 1.00
N ALA A 75 -6.69 4.25 1.60
CA ALA A 75 -8.05 4.64 1.94
C ALA A 75 -9.07 4.54 0.77
N PRO A 76 -8.69 4.97 -0.46
CA PRO A 76 -9.59 4.75 -1.62
C PRO A 76 -10.07 3.30 -1.79
N GLN A 77 -9.27 2.32 -1.35
CA GLN A 77 -9.72 0.92 -1.41
C GLN A 77 -10.85 0.58 -0.43
N LEU A 78 -11.07 1.45 0.58
CA LEU A 78 -12.19 1.35 1.51
C LEU A 78 -13.34 2.30 1.12
N ASP A 79 -13.26 2.84 -0.09
CA ASP A 79 -14.24 3.79 -0.62
C ASP A 79 -14.12 5.17 0.06
N ILE A 80 -12.93 5.50 0.60
CA ILE A 80 -12.70 6.77 1.29
C ILE A 80 -11.65 7.55 0.49
N SER A 81 -12.07 8.64 -0.15
CA SER A 81 -11.19 9.35 -1.10
C SER A 81 -10.29 10.37 -0.38
N LYS A 82 -9.46 9.88 0.52
CA LYS A 82 -8.52 10.69 1.29
C LYS A 82 -7.08 10.15 1.12
N ARG A 83 -6.10 11.05 1.24
CA ARG A 83 -4.70 10.69 1.02
C ARG A 83 -4.11 10.05 2.30
N ILE A 84 -4.49 8.78 2.53
CA ILE A 84 -4.12 8.02 3.73
C ILE A 84 -3.74 6.63 3.23
N ILE A 85 -2.54 6.19 3.60
CA ILE A 85 -2.10 4.84 3.26
C ILE A 85 -1.48 4.20 4.50
N ALA A 86 -1.49 2.88 4.54
CA ALA A 86 -0.80 2.16 5.60
C ALA A 86 0.11 1.18 4.92
N VAL A 87 1.33 1.06 5.45
CA VAL A 87 2.30 0.13 4.90
C VAL A 87 2.92 -0.69 6.03
N LEU A 88 3.03 -1.99 5.79
CA LEU A 88 3.58 -2.91 6.78
C LEU A 88 4.35 -3.98 6.07
N VAL A 89 5.64 -3.77 5.90
CA VAL A 89 6.49 -4.70 5.16
C VAL A 89 7.34 -5.51 6.14
N PRO A 90 7.02 -6.81 6.31
CA PRO A 90 7.71 -7.67 7.27
C PRO A 90 9.12 -8.07 6.81
N ASN A 91 10.06 -8.15 7.75
CA ASN A 91 11.32 -8.82 7.46
C ASN A 91 11.09 -10.32 7.59
N VAL A 92 11.99 -11.12 7.03
CA VAL A 92 11.84 -12.57 7.07
C VAL A 92 12.79 -13.24 8.10
N GLU A 93 12.36 -14.36 8.66
CA GLU A 93 13.21 -15.23 9.48
C GLU A 93 14.43 -15.75 8.71
N ASP A 94 15.49 -16.13 9.41
CA ASP A 94 16.61 -16.76 8.72
C ASP A 94 16.36 -18.27 8.49
N ALA A 95 17.32 -18.96 7.87
CA ALA A 95 17.22 -20.41 7.59
C ALA A 95 17.11 -21.26 8.86
N GLN A 96 17.59 -20.71 9.97
CA GLN A 96 17.52 -21.39 11.24
C GLN A 96 16.21 -21.15 11.99
N GLY A 97 15.32 -20.35 11.42
CA GLY A 97 14.08 -20.07 12.13
C GLY A 97 14.12 -18.87 13.08
N ASN A 98 15.24 -18.15 13.14
CA ASN A 98 15.31 -17.02 14.08
C ASN A 98 14.54 -15.83 13.52
N PRO A 99 13.73 -15.16 14.35
CA PRO A 99 13.06 -13.94 13.87
C PRO A 99 14.12 -12.90 13.49
N PRO A 100 13.80 -11.99 12.56
CA PRO A 100 14.70 -10.89 12.20
C PRO A 100 14.90 -9.93 13.36
N LYS A 101 16.02 -9.18 13.37
CA LYS A 101 16.25 -8.18 14.43
C LYS A 101 15.19 -7.08 14.46
N GLU A 102 14.69 -6.70 13.28
CA GLU A 102 13.55 -5.78 13.13
C GLU A 102 12.37 -6.59 12.56
N ALA A 103 11.22 -6.55 13.22
CA ALA A 103 10.02 -7.25 12.73
C ALA A 103 9.58 -6.75 11.33
N TYR A 104 9.84 -5.46 11.06
CA TYR A 104 9.44 -4.83 9.79
C TYR A 104 10.52 -3.95 9.17
N SER A 105 10.60 -3.95 7.84
CA SER A 105 11.45 -3.04 7.10
C SER A 105 10.75 -1.69 6.95
N LEU A 106 9.43 -1.69 7.08
CA LEU A 106 8.64 -0.44 7.04
C LEU A 106 7.30 -0.64 7.72
N GLN A 107 6.97 0.27 8.64
CA GLN A 107 5.68 0.20 9.35
C GLN A 107 5.21 1.62 9.57
N GLU A 108 4.18 2.04 8.85
CA GLU A 108 3.79 3.44 8.95
C GLU A 108 2.36 3.63 8.44
N VAL A 109 1.65 4.56 9.07
CA VAL A 109 0.44 5.14 8.47
C VAL A 109 0.83 6.53 7.98
N MET A 110 0.66 6.75 6.67
CA MET A 110 1.18 7.95 6.04
C MET A 110 0.03 8.78 5.55
N TYR A 111 0.04 10.05 5.93
CA TYR A 111 -0.92 11.04 5.47
C TYR A 111 -0.27 11.98 4.46
N ASN A 112 -1.00 12.28 3.39
CA ASN A 112 -0.52 13.14 2.30
C ASN A 112 0.86 12.72 1.77
N PRO A 113 1.06 11.42 1.52
CA PRO A 113 2.38 11.03 1.06
C PRO A 113 2.57 11.41 -0.40
N LYS A 114 3.81 11.66 -0.77
CA LYS A 114 4.12 11.91 -2.18
C LYS A 114 5.58 11.59 -2.50
N VAL A 115 5.82 11.19 -3.72
CA VAL A 115 7.19 11.03 -4.21
C VAL A 115 7.73 12.41 -4.59
N VAL A 116 8.76 12.87 -3.89
CA VAL A 116 9.42 14.17 -4.19
C VAL A 116 10.64 14.07 -5.13
N SER A 117 11.29 12.90 -5.19
CA SER A 117 12.29 12.64 -6.22
C SER A 117 12.48 11.13 -6.35
N HIS A 118 13.25 10.70 -7.34
CA HIS A 118 13.41 9.27 -7.64
C HIS A 118 14.60 9.03 -8.54
N SER A 119 15.00 7.78 -8.63
CA SER A 119 16.11 7.42 -9.49
C SER A 119 15.66 7.40 -10.95
N VAL A 120 16.62 7.54 -11.85
CA VAL A 120 16.38 7.33 -13.26
C VAL A 120 16.13 5.83 -13.43
N GLN A 121 16.85 4.99 -12.68
CA GLN A 121 16.67 3.55 -12.80
C GLN A 121 15.24 3.11 -12.40
N ASP A 122 14.69 2.19 -13.17
CA ASP A 122 13.39 1.59 -12.90
C ASP A 122 13.58 0.24 -12.22
N ALA A 123 12.54 -0.22 -11.53
CA ALA A 123 12.51 -1.57 -10.96
C ALA A 123 11.13 -2.21 -11.04
N ALA A 124 11.08 -3.53 -10.87
CA ALA A 124 9.82 -4.28 -10.87
C ALA A 124 9.99 -5.59 -10.12
N LEU A 125 8.93 -6.01 -9.43
CA LEU A 125 8.91 -7.31 -8.81
C LEU A 125 8.91 -8.40 -9.89
N SER A 126 9.76 -9.41 -9.70
CA SER A 126 9.86 -10.54 -10.62
C SER A 126 8.51 -11.25 -10.81
N ASP A 127 7.73 -11.30 -9.72
CA ASP A 127 6.47 -12.06 -9.69
C ASP A 127 5.27 -11.21 -10.06
N GLY A 128 5.52 -9.98 -10.52
CA GLY A 128 4.44 -9.07 -10.83
C GLY A 128 3.85 -8.51 -9.54
N GLU A 129 2.66 -7.92 -9.64
CA GLU A 129 1.97 -7.40 -8.48
C GLU A 129 0.53 -7.94 -8.43
N GLY A 130 -0.09 -7.82 -7.27
CA GLY A 130 -1.48 -8.13 -7.09
C GLY A 130 -2.15 -6.92 -6.46
N OCS A 131 -3.46 -7.02 -6.29
CA OCS A 131 -4.27 -5.96 -5.70
CB OCS A 131 -4.72 -5.00 -6.77
SG OCS A 131 -5.17 -3.34 -6.19
C OCS A 131 -5.48 -6.53 -4.98
O OCS A 131 -6.26 -7.31 -5.55
OD1 OCS A 131 -5.77 -2.66 -7.28
OD2 OCS A 131 -6.06 -3.38 -5.11
OD3 OCS A 131 -4.00 -2.71 -5.77
N LEU A 132 -5.67 -6.11 -3.72
CA LEU A 132 -6.87 -6.37 -2.95
C LEU A 132 -8.18 -6.08 -3.67
N SER A 133 -8.20 -5.06 -4.54
CA SER A 133 -9.41 -4.69 -5.28
C SER A 133 -9.56 -5.40 -6.65
N VAL A 134 -8.58 -6.24 -7.00
CA VAL A 134 -8.56 -6.87 -8.31
C VAL A 134 -8.64 -8.40 -8.20
N ASP A 135 -9.72 -8.97 -8.73
CA ASP A 135 -9.98 -10.41 -8.61
C ASP A 135 -9.73 -11.09 -9.96
N ARG A 136 -8.64 -10.68 -10.61
CA ARG A 136 -8.21 -11.21 -11.90
C ARG A 136 -6.74 -11.56 -11.77
N GLU A 137 -6.30 -12.55 -12.55
CA GLU A 137 -4.87 -12.83 -12.70
C GLU A 137 -4.32 -11.83 -13.70
N VAL A 138 -3.34 -11.03 -13.29
CA VAL A 138 -2.77 -9.98 -14.18
C VAL A 138 -1.27 -10.18 -14.27
N PRO A 139 -0.80 -10.64 -15.43
CA PRO A 139 0.62 -10.96 -15.56
C PRO A 139 1.43 -9.74 -15.97
N GLY A 140 2.69 -9.73 -15.56
CA GLY A 140 3.64 -8.80 -16.17
C GLY A 140 4.40 -7.95 -15.15
N TYR A 141 5.45 -7.30 -15.65
CA TYR A 141 6.28 -6.44 -14.81
C TYR A 141 5.55 -5.10 -14.62
N VAL A 142 5.38 -4.73 -13.36
CA VAL A 142 4.81 -3.43 -13.04
C VAL A 142 6.01 -2.49 -12.88
N VAL A 143 6.24 -1.66 -13.89
CA VAL A 143 7.49 -0.86 -13.94
C VAL A 143 7.36 0.36 -13.07
N ARG A 144 8.21 0.41 -12.05
CA ARG A 144 8.17 1.50 -11.07
C ARG A 144 9.54 2.15 -10.96
N HIS A 145 9.67 3.22 -10.16
CA HIS A 145 10.97 3.78 -9.84
C HIS A 145 11.71 2.81 -8.94
N ALA A 146 13.01 2.59 -9.19
CA ALA A 146 13.81 1.73 -8.29
C ALA A 146 13.90 2.33 -6.89
N ARG A 147 14.15 3.62 -6.82
CA ARG A 147 14.40 4.27 -5.56
C ARG A 147 13.61 5.57 -5.54
N VAL A 148 13.11 5.93 -4.38
CA VAL A 148 12.32 7.17 -4.29
C VAL A 148 12.66 7.90 -3.01
N THR A 149 12.42 9.20 -3.03
CA THR A 149 12.41 9.99 -1.81
C THR A 149 10.95 10.42 -1.63
N ILE A 150 10.41 10.15 -0.45
CA ILE A 150 9.02 10.52 -0.17
C ILE A 150 8.94 11.55 0.94
N GLU A 151 7.91 12.36 0.88
CA GLU A 151 7.49 13.12 2.05
C GLU A 151 6.10 12.68 2.45
N TYR A 152 5.83 12.73 3.75
CA TYR A 152 4.46 12.45 4.26
C TYR A 152 4.35 12.99 5.68
N PHE A 153 3.13 12.96 6.22
CA PHE A 153 2.89 13.40 7.60
C PHE A 153 2.38 12.21 8.38
N ASP A 154 2.81 12.09 9.64
CA ASP A 154 2.17 11.09 10.48
C ASP A 154 0.90 11.63 11.14
N LYS A 155 0.20 10.79 11.87
CA LYS A 155 -1.08 11.15 12.51
C LYS A 155 -0.93 12.38 13.44
N THR A 156 0.29 12.66 13.87
CA THR A 156 0.55 13.83 14.74
C THR A 156 0.68 15.12 13.93
N GLY A 157 0.82 15.00 12.61
CA GLY A 157 1.13 16.14 11.78
C GLY A 157 2.62 16.42 11.61
N GLU A 158 3.46 15.59 12.23
CA GLU A 158 4.91 15.66 12.01
C GLU A 158 5.26 15.26 10.58
N LYS A 159 6.04 16.10 9.90
CA LYS A 159 6.53 15.81 8.53
C LYS A 159 7.77 14.89 8.54
N HIS A 160 7.78 13.90 7.62
CA HIS A 160 8.88 12.99 7.48
C HIS A 160 9.40 13.06 6.05
N ARG A 161 10.71 12.93 5.90
CA ARG A 161 11.34 12.85 4.57
C ARG A 161 12.17 11.59 4.58
N LEU A 162 11.95 10.70 3.61
CA LEU A 162 12.48 9.34 3.71
C LEU A 162 12.92 8.82 2.34
N LYS A 163 14.10 8.21 2.25
CA LYS A 163 14.54 7.56 1.02
C LYS A 163 14.27 6.07 1.14
N LEU A 164 13.78 5.49 0.05
CA LEU A 164 13.41 4.10 0.05
C LEU A 164 13.93 3.41 -1.20
N LYS A 165 14.29 2.16 -1.01
CA LYS A 165 14.66 1.30 -2.11
C LYS A 165 14.07 -0.10 -1.93
N GLY A 166 14.40 -1.00 -2.84
CA GLY A 166 13.93 -2.38 -2.80
C GLY A 166 12.42 -2.51 -2.70
N TYR A 167 11.99 -3.52 -1.97
CA TYR A 167 10.56 -3.82 -1.79
C TYR A 167 9.79 -2.66 -1.14
N ASN A 168 10.39 -2.00 -0.15
CA ASN A 168 9.79 -0.83 0.51
C ASN A 168 9.38 0.22 -0.54
N SER A 169 10.29 0.49 -1.48
CA SER A 169 10.04 1.51 -2.54
C SER A 169 8.83 1.10 -3.41
N ILE A 170 8.82 -0.16 -3.84
CA ILE A 170 7.73 -0.72 -4.63
C ILE A 170 6.38 -0.61 -3.88
N VAL A 171 6.37 -1.00 -2.61
CA VAL A 171 5.13 -1.00 -1.81
C VAL A 171 4.57 0.42 -1.67
N VAL A 172 5.41 1.36 -1.28
CA VAL A 172 4.94 2.73 -1.11
C VAL A 172 4.44 3.36 -2.43
N GLN A 173 5.15 3.08 -3.51
CA GLN A 173 4.71 3.58 -4.82
C GLN A 173 3.32 3.05 -5.21
N HIS A 174 3.12 1.74 -5.00
CA HIS A 174 1.84 1.09 -5.24
C HIS A 174 0.70 1.81 -4.47
N GLU A 175 0.89 2.03 -3.17
CA GLU A 175 -0.11 2.71 -2.37
C GLU A 175 -0.32 4.19 -2.74
N ILE A 176 0.76 4.94 -2.95
CA ILE A 176 0.65 6.31 -3.46
C ILE A 176 -0.16 6.35 -4.77
N ASP A 177 0.10 5.42 -5.68
CA ASP A 177 -0.76 5.34 -6.90
C ASP A 177 -2.25 5.28 -6.61
N HIS A 178 -2.60 4.50 -5.60
CA HIS A 178 -4.03 4.37 -5.23
C HIS A 178 -4.63 5.72 -4.92
N ILE A 179 -3.90 6.57 -4.21
CA ILE A 179 -4.46 7.86 -3.83
C ILE A 179 -4.39 8.88 -4.97
N ASP A 180 -3.77 8.49 -6.11
CA ASP A 180 -3.79 9.30 -7.33
C ASP A 180 -4.69 8.73 -8.41
N GLY A 181 -5.37 7.62 -8.11
CA GLY A 181 -6.35 6.99 -9.03
C GLY A 181 -5.69 6.12 -10.10
N ILE A 182 -4.50 5.62 -9.80
CA ILE A 182 -3.67 4.79 -10.70
C ILE A 182 -3.67 3.33 -10.18
N MET A 183 -3.90 2.40 -11.09
CA MET A 183 -3.90 0.97 -10.81
C MET A 183 -2.60 0.32 -11.31
N PHE A 184 -2.19 -0.77 -10.69
CA PHE A 184 -0.88 -1.35 -10.96
C PHE A 184 -0.70 -1.69 -12.42
N TYR A 185 -1.77 -2.18 -13.04
CA TYR A 185 -1.67 -2.62 -14.43
C TYR A 185 -1.55 -1.46 -15.42
N ASP A 186 -1.85 -0.24 -14.96
CA ASP A 186 -1.52 0.95 -15.75
C ASP A 186 -0.02 1.01 -16.14
N ARG A 187 0.84 0.34 -15.36
CA ARG A 187 2.29 0.42 -15.46
C ARG A 187 2.88 -0.86 -16.03
N ILE A 188 2.04 -1.70 -16.63
CA ILE A 188 2.47 -2.93 -17.31
C ILE A 188 2.46 -2.68 -18.82
N ASN A 189 3.53 -3.10 -19.50
CA ASN A 189 3.68 -2.87 -20.95
C ASN A 189 2.44 -3.39 -21.68
N GLU A 190 1.89 -2.59 -22.59
CA GLU A 190 0.62 -2.89 -23.25
C GLU A 190 0.70 -4.05 -24.25
N LYS A 191 1.85 -4.18 -24.89
CA LYS A 191 2.02 -5.16 -25.94
C LYS A 191 2.71 -6.42 -25.46
N ASN A 192 3.78 -6.30 -24.66
CA ASN A 192 4.40 -7.47 -24.03
C ASN A 192 4.55 -7.25 -22.54
N PRO A 193 3.67 -7.86 -21.72
CA PRO A 193 3.72 -7.70 -20.26
C PRO A 193 5.10 -7.94 -19.62
N PHE A 194 5.89 -8.82 -20.24
CA PHE A 194 7.22 -9.16 -19.71
C PHE A 194 8.40 -8.56 -20.46
N ALA A 195 8.12 -7.52 -21.25
CA ALA A 195 9.16 -6.72 -21.89
C ALA A 195 10.13 -6.19 -20.84
N VAL A 196 11.41 -6.22 -21.14
CA VAL A 196 12.39 -5.68 -20.20
C VAL A 196 13.24 -4.61 -20.90
N LYS A 197 13.06 -3.35 -20.50
CA LYS A 197 13.89 -2.28 -21.00
C LYS A 197 15.22 -2.39 -20.24
N GLU A 198 16.31 -2.39 -21.01
CA GLU A 198 17.64 -2.51 -20.47
C GLU A 198 17.87 -1.64 -19.23
N GLY A 199 18.41 -2.24 -18.19
CA GLY A 199 18.69 -1.49 -16.97
C GLY A 199 17.61 -1.66 -15.91
N LEU A 200 16.47 -2.24 -16.30
CA LEU A 200 15.42 -2.54 -15.31
C LEU A 200 15.92 -3.44 -14.18
N LEU A 201 15.73 -3.00 -12.95
CA LEU A 201 16.10 -3.80 -11.79
C LEU A 201 14.94 -4.76 -11.47
N ILE A 202 15.16 -6.06 -11.68
CA ILE A 202 14.12 -7.03 -11.36
C ILE A 202 14.37 -7.60 -9.97
N LEU A 203 13.45 -7.30 -9.04
CA LEU A 203 13.56 -7.72 -7.63
C LEU A 203 12.97 -9.11 -7.41
N GLU A 204 13.77 -10.05 -6.90
CA GLU A 204 13.36 -11.46 -6.83
C GLU A 204 12.35 -11.74 -5.72
N1 7JT B . -2.39 -2.85 -1.63
O2 7JT B . -2.93 -1.64 -2.19
C3 7JT B . -2.74 -3.99 -2.24
O4 7JT B . -3.48 -4.03 -3.21
C5 7JT B . -2.12 -5.30 -1.65
C6 7JT B . -0.83 -5.65 -2.42
C7 7JT B . 0.30 -4.63 -2.16
C12 7JT B . -0.44 -6.81 -1.57
O13 7JT B . 0.01 -6.79 -0.32
N14 7JT B . 0.01 -7.89 -2.18
N15 7JT B . 0.72 -7.90 -0.14
C16 7JT B . 0.72 -8.58 -1.27
C17 7JT B . 1.36 -4.65 -3.00
C18 7JT B . 1.46 -5.33 -4.12
C19 7JT B . 2.45 -3.91 -2.84
C20 7JT B . 3.26 -4.17 -3.87
C21 7JT B . 2.65 -5.03 -4.66
C ACT C . 5.09 6.59 -9.12
O ACT C . 5.50 7.76 -8.98
OXT ACT C . 5.42 6.01 -10.22
CH3 ACT C . 4.28 5.95 -8.04
N1 IMD D . -8.32 20.68 -5.80
C2 IMD D . -8.41 20.71 -4.45
N3 IMD D . -9.49 19.98 -4.07
C4 IMD D . -10.09 19.48 -5.16
C5 IMD D . -9.36 19.93 -6.25
ZN ZN E . -3.34 -2.03 -4.28
ZN ZN F . -5.92 -7.63 16.50
ZN ZN G . 10.20 12.29 -12.12
ZN ZN H . -2.93 -2.45 -20.29
ZN ZN I . 6.80 8.66 -10.43
ZN ZN J . -16.70 -4.70 7.65
ZN ZN K . -5.64 7.03 18.33
ZN ZN L . 14.87 -1.17 15.56
ZN ZN M . -8.73 19.97 -1.77
#